data_6A18
#
_entry.id   6A18
#
_cell.length_a   146.715
_cell.length_b   146.715
_cell.length_c   64.605
_cell.angle_alpha   90.00
_cell.angle_beta   90.00
_cell.angle_gamma   120.00
#
_symmetry.space_group_name_H-M   'P 65'
#
loop_
_entity.id
_entity.type
_entity.pdbx_description
1 polymer 'Cytochrome P450 90B1'
2 non-polymer 'PROTOPORPHYRIN IX CONTAINING FE'
3 non-polymer GLYCEROL
4 non-polymer 'CHLORIDE ION'
5 non-polymer HEXANE-1,6-DIOL
6 water water
#
_entity_poly.entity_id   1
_entity_poly.type   'polypeptide(L)'
_entity_poly.pdbx_seq_one_letter_code
;MAKRRNRKTRFNLPPGKSGWPFLGETIGYLKPYTATTLGDFMQQHVSKYGKIYRSNLFGEPTIVSADAGLNRFILQNEGR
LFECSYPRSIGGILGKWSMLVLVGDMHRDMRSISLNFLSHARLRTILLKDVERHTLFVLDSWQQNSIFSAQDEAKKFTFN
LMAKHIMSMDPGEEETEQLKKEYVTFMKGVVSAPLNLPGTAYHKALQSRATILKFIERKMEERKLDIKERKQRTDDDLLG
WVLKHSNLSTEQILDLILSLLFAGHETSSVAIALAIFFLQACPKAVEELREEHLEIARAKKELGESELNWDDYKKMDFTQ
CVINETLRLGNVVRFLHRKALKDVRYKGYDIPSGWKVLPVISAVHLDNSRYDQPNLFNPWRWQQQNTWGNNYMPFGGGPR
LCAGSELAKLEMAVFIHHLVLKFNWELAEDDKPFAFPFVDFPNGLLIRVSRILHHHH
;
_entity_poly.pdbx_strand_id   A
#
loop_
_chem_comp.id
_chem_comp.type
_chem_comp.name
_chem_comp.formula
CL non-polymer 'CHLORIDE ION' 'Cl -1'
GOL non-polymer GLYCEROL 'C3 H8 O3'
HEM non-polymer 'PROTOPORPHYRIN IX CONTAINING FE' 'C34 H32 Fe N4 O4'
HEZ non-polymer HEXANE-1,6-DIOL 'C6 H14 O2'
#
# COMPACT_ATOMS: atom_id res chain seq x y z
N PHE A 11 3.76 5.96 -38.52
CA PHE A 11 2.97 5.26 -37.50
C PHE A 11 3.64 3.97 -37.03
N ASN A 12 4.04 3.95 -35.76
CA ASN A 12 4.83 2.85 -35.20
C ASN A 12 4.18 2.35 -33.92
N LEU A 13 3.49 1.23 -34.01
CA LEU A 13 2.94 0.54 -32.85
C LEU A 13 4.05 -0.22 -32.14
N PRO A 14 4.08 -0.24 -30.81
CA PRO A 14 5.11 -0.98 -30.09
C PRO A 14 4.99 -2.47 -30.38
N PRO A 15 6.10 -3.19 -30.46
CA PRO A 15 6.05 -4.61 -30.80
C PRO A 15 5.54 -5.47 -29.65
N GLY A 16 4.97 -6.62 -30.01
CA GLY A 16 4.58 -7.61 -29.03
C GLY A 16 3.62 -8.63 -29.61
N LYS A 17 3.19 -9.54 -28.75
CA LYS A 17 2.28 -10.62 -29.11
C LYS A 17 0.85 -10.25 -28.72
N SER A 18 -0.08 -11.14 -29.05
CA SER A 18 -1.47 -10.99 -28.65
C SER A 18 -2.01 -12.16 -27.83
N GLY A 19 -1.37 -13.32 -27.89
CA GLY A 19 -1.75 -14.43 -27.03
C GLY A 19 -3.08 -15.05 -27.41
N TRP A 20 -3.71 -15.66 -26.41
CA TRP A 20 -4.93 -16.43 -26.59
C TRP A 20 -6.13 -15.51 -26.75
N PRO A 21 -7.20 -16.00 -27.39
CA PRO A 21 -8.42 -15.20 -27.47
C PRO A 21 -9.01 -14.96 -26.09
N PHE A 22 -9.60 -13.78 -25.92
CA PHE A 22 -10.26 -13.36 -24.69
C PHE A 22 -9.27 -13.13 -23.55
N LEU A 23 -8.35 -14.08 -23.33
CA LEU A 23 -7.42 -14.01 -22.21
C LEU A 23 -6.09 -13.36 -22.57
N GLY A 24 -5.68 -13.39 -23.84
CA GLY A 24 -4.42 -12.76 -24.21
C GLY A 24 -3.25 -13.46 -23.55
N GLU A 25 -2.31 -12.65 -23.04
CA GLU A 25 -1.18 -13.14 -22.25
C GLU A 25 -1.41 -13.00 -20.75
N THR A 26 -2.66 -12.82 -20.32
CA THR A 26 -2.96 -12.49 -18.94
C THR A 26 -2.43 -13.54 -17.97
N ILE A 27 -2.67 -14.82 -18.28
CA ILE A 27 -2.24 -15.89 -17.37
C ILE A 27 -0.73 -15.85 -17.15
N GLY A 28 0.04 -15.71 -18.24
CA GLY A 28 1.48 -15.60 -18.10
C GLY A 28 1.90 -14.34 -17.39
N TYR A 29 1.21 -13.22 -17.67
CA TYR A 29 1.49 -11.97 -16.99
C TYR A 29 1.28 -12.08 -15.48
N LEU A 30 0.28 -12.84 -15.04
CA LEU A 30 -0.05 -12.95 -13.63
C LEU A 30 0.67 -14.10 -12.92
N LYS A 31 1.44 -14.90 -13.64
CA LYS A 31 2.15 -16.01 -13.02
C LYS A 31 2.99 -15.50 -11.84
N PRO A 32 2.85 -16.08 -10.66
CA PRO A 32 3.61 -15.60 -9.49
C PRO A 32 5.11 -15.59 -9.74
N TYR A 33 5.79 -14.62 -9.14
CA TYR A 33 7.23 -14.45 -9.28
C TYR A 33 7.80 -13.84 -8.01
N THR A 34 9.09 -14.08 -7.76
CA THR A 34 9.73 -13.55 -6.56
C THR A 34 9.64 -12.03 -6.54
N ALA A 35 9.16 -11.48 -5.43
CA ALA A 35 8.78 -10.06 -5.39
C ALA A 35 9.98 -9.13 -5.54
N THR A 36 11.20 -9.63 -5.32
CA THR A 36 12.38 -8.78 -5.47
C THR A 36 12.86 -8.72 -6.91
N THR A 37 12.10 -9.29 -7.86
CA THR A 37 12.41 -9.23 -9.28
C THR A 37 11.16 -8.82 -10.05
N LEU A 38 11.29 -8.70 -11.36
CA LEU A 38 10.15 -8.40 -12.22
C LEU A 38 9.44 -9.65 -12.72
N GLY A 39 10.04 -10.82 -12.58
CA GLY A 39 9.39 -12.03 -13.03
C GLY A 39 9.75 -12.40 -14.45
N ASP A 40 9.65 -13.70 -14.73
CA ASP A 40 10.09 -14.24 -16.02
C ASP A 40 9.35 -13.58 -17.17
N PHE A 41 8.02 -13.52 -17.09
CA PHE A 41 7.23 -12.92 -18.16
C PHE A 41 7.71 -11.50 -18.48
N MET A 42 7.86 -10.65 -17.46
CA MET A 42 8.24 -9.27 -17.70
C MET A 42 9.68 -9.15 -18.20
N GLN A 43 10.61 -9.84 -17.55
CA GLN A 43 12.01 -9.72 -17.96
C GLN A 43 12.19 -10.18 -19.40
N GLN A 44 11.59 -11.31 -19.77
CA GLN A 44 11.75 -11.85 -21.12
C GLN A 44 11.14 -10.92 -22.17
N HIS A 45 9.95 -10.36 -21.87
CA HIS A 45 9.32 -9.46 -22.82
C HIS A 45 10.13 -8.18 -23.00
N VAL A 46 10.66 -7.63 -21.91
CA VAL A 46 11.51 -6.44 -22.04
C VAL A 46 12.78 -6.78 -22.81
N SER A 47 13.35 -7.97 -22.57
CA SER A 47 14.56 -8.37 -23.27
C SER A 47 14.32 -8.51 -24.77
N LYS A 48 13.18 -9.09 -25.15
CA LYS A 48 12.90 -9.31 -26.56
C LYS A 48 12.40 -8.04 -27.24
N TYR A 49 11.51 -7.28 -26.60
CA TYR A 49 10.82 -6.19 -27.25
C TYR A 49 11.25 -4.80 -26.81
N GLY A 50 11.95 -4.66 -25.69
CA GLY A 50 12.28 -3.35 -25.14
C GLY A 50 11.35 -2.98 -23.99
N LYS A 51 11.61 -1.78 -23.44
CA LYS A 51 10.91 -1.32 -22.25
C LYS A 51 9.47 -0.89 -22.53
N ILE A 52 9.14 -0.66 -23.79
CA ILE A 52 7.77 -0.34 -24.20
C ILE A 52 7.35 -1.41 -25.19
N TYR A 53 6.35 -2.21 -24.83
CA TYR A 53 5.85 -3.26 -25.72
C TYR A 53 4.35 -3.39 -25.57
N ARG A 54 3.74 -4.09 -26.53
CA ARG A 54 2.30 -4.26 -26.60
C ARG A 54 1.94 -5.69 -26.23
N SER A 55 0.67 -5.86 -25.84
CA SER A 55 0.18 -7.14 -25.35
C SER A 55 -1.34 -7.07 -25.32
N ASN A 56 -1.96 -8.17 -24.90
CA ASN A 56 -3.41 -8.25 -24.73
C ASN A 56 -3.64 -8.76 -23.30
N LEU A 57 -4.03 -7.85 -22.40
CA LEU A 57 -4.06 -8.15 -20.97
C LEU A 57 -5.38 -7.73 -20.36
N PHE A 58 -5.90 -8.55 -19.45
CA PHE A 58 -7.14 -8.23 -18.75
C PHE A 58 -8.26 -7.88 -19.72
N GLY A 59 -8.28 -8.56 -20.87
CA GLY A 59 -9.34 -8.41 -21.84
C GLY A 59 -9.25 -7.20 -22.74
N GLU A 60 -8.10 -6.54 -22.82
CA GLU A 60 -7.98 -5.34 -23.64
C GLU A 60 -6.60 -5.26 -24.27
N PRO A 61 -6.49 -4.67 -25.46
CA PRO A 61 -5.16 -4.41 -26.02
C PRO A 61 -4.40 -3.39 -25.18
N THR A 62 -3.10 -3.62 -25.00
CA THR A 62 -2.38 -2.94 -23.93
C THR A 62 -0.95 -2.57 -24.32
N ILE A 63 -0.53 -1.39 -23.89
CA ILE A 63 0.87 -0.97 -23.95
C ILE A 63 1.45 -1.10 -22.55
N VAL A 64 2.45 -1.98 -22.39
CA VAL A 64 3.15 -2.18 -21.12
C VAL A 64 4.39 -1.30 -21.11
N SER A 65 4.65 -0.60 -20.01
CA SER A 65 5.79 0.32 -19.94
C SER A 65 6.66 0.01 -18.74
N ALA A 66 7.87 -0.45 -18.99
CA ALA A 66 8.94 -0.48 -18.01
C ALA A 66 9.94 0.66 -18.24
N ASP A 67 9.51 1.73 -18.90
CA ASP A 67 10.35 2.89 -19.19
C ASP A 67 10.01 3.99 -18.18
N ALA A 68 10.99 4.36 -17.35
CA ALA A 68 10.75 5.31 -16.28
C ALA A 68 10.34 6.67 -16.81
N GLY A 69 10.89 7.08 -17.97
CA GLY A 69 10.50 8.34 -18.57
C GLY A 69 9.07 8.34 -19.05
N LEU A 70 8.62 7.26 -19.67
CA LEU A 70 7.22 7.18 -20.09
C LEU A 70 6.30 7.06 -18.88
N ASN A 71 6.71 6.30 -17.85
CA ASN A 71 5.81 6.10 -16.71
C ASN A 71 5.52 7.40 -15.99
N ARG A 72 6.52 8.28 -15.86
CA ARG A 72 6.27 9.56 -15.20
C ARG A 72 5.43 10.47 -16.09
N PHE A 73 5.60 10.38 -17.41
CA PHE A 73 4.76 11.13 -18.32
C PHE A 73 3.30 10.68 -18.23
N ILE A 74 3.06 9.38 -18.15
CA ILE A 74 1.71 8.87 -17.95
C ILE A 74 1.14 9.38 -16.62
N LEU A 75 1.93 9.25 -15.56
CA LEU A 75 1.43 9.61 -14.24
C LEU A 75 1.12 11.10 -14.13
N GLN A 76 1.97 11.96 -14.70
CA GLN A 76 1.76 13.40 -14.60
C GLN A 76 0.64 13.90 -15.51
N ASN A 77 0.25 13.13 -16.52
CA ASN A 77 -0.78 13.56 -17.46
C ASN A 77 -2.11 12.87 -17.22
N GLU A 78 -2.33 12.40 -15.99
CA GLU A 78 -3.63 11.89 -15.59
C GLU A 78 -4.68 12.98 -15.75
N GLY A 79 -5.79 12.64 -16.39
CA GLY A 79 -6.86 13.58 -16.65
C GLY A 79 -6.74 14.35 -17.95
N ARG A 80 -5.57 14.32 -18.59
CA ARG A 80 -5.36 15.02 -19.85
C ARG A 80 -5.11 14.05 -20.99
N LEU A 81 -4.07 13.21 -20.87
CA LEU A 81 -3.78 12.21 -21.88
C LEU A 81 -4.09 10.79 -21.45
N PHE A 82 -4.09 10.50 -20.15
CA PHE A 82 -4.41 9.18 -19.63
C PHE A 82 -5.35 9.32 -18.45
N GLU A 83 -6.02 8.22 -18.11
CA GLU A 83 -6.85 8.22 -16.91
C GLU A 83 -6.94 6.80 -16.35
N CYS A 84 -7.07 6.75 -15.02
CA CYS A 84 -7.22 5.48 -14.32
C CYS A 84 -8.37 4.65 -14.89
N SER A 85 -8.13 3.35 -15.08
CA SER A 85 -9.11 2.52 -15.78
C SER A 85 -8.82 1.05 -15.46
N TYR A 86 -9.60 0.49 -14.59
CA TYR A 86 -9.43 -0.89 -14.18
C TYR A 86 -10.16 -1.83 -15.12
N PRO A 87 -9.81 -3.12 -15.10
CA PRO A 87 -10.60 -4.11 -15.86
C PRO A 87 -12.04 -4.17 -15.40
N ARG A 88 -12.91 -4.66 -16.30
CA ARG A 88 -14.35 -4.65 -16.04
C ARG A 88 -14.69 -5.41 -14.75
N SER A 89 -14.10 -6.60 -14.57
CA SER A 89 -14.32 -7.34 -13.33
C SER A 89 -13.87 -6.53 -12.12
N ILE A 90 -12.60 -6.11 -12.09
CA ILE A 90 -12.06 -5.42 -10.93
C ILE A 90 -12.65 -4.03 -10.70
N GLY A 91 -13.32 -3.46 -11.71
CA GLY A 91 -13.70 -2.06 -11.61
C GLY A 91 -14.67 -1.79 -10.47
N GLY A 92 -15.61 -2.70 -10.23
CA GLY A 92 -16.71 -2.41 -9.33
C GLY A 92 -16.76 -3.09 -7.99
N ILE A 93 -15.70 -3.79 -7.55
CA ILE A 93 -15.83 -4.50 -6.28
C ILE A 93 -15.73 -3.54 -5.10
N LEU A 94 -14.98 -2.44 -5.23
CA LEU A 94 -14.91 -1.46 -4.16
C LEU A 94 -16.04 -0.44 -4.25
N GLY A 95 -16.96 -0.59 -5.19
CA GLY A 95 -18.10 0.30 -5.29
C GLY A 95 -17.96 1.29 -6.43
N LYS A 96 -19.11 1.79 -6.88
CA LYS A 96 -19.14 2.79 -7.94
C LYS A 96 -18.42 4.07 -7.53
N TRP A 97 -18.35 4.37 -6.22
CA TRP A 97 -17.76 5.60 -5.72
C TRP A 97 -16.41 5.37 -5.04
N SER A 98 -15.74 4.26 -5.34
CA SER A 98 -14.40 4.06 -4.79
C SER A 98 -13.45 5.11 -5.32
N MET A 99 -12.66 5.69 -4.43
CA MET A 99 -11.73 6.72 -4.85
C MET A 99 -10.67 6.18 -5.81
N LEU A 100 -10.31 4.91 -5.69
CA LEU A 100 -9.28 4.36 -6.56
C LEU A 100 -9.76 4.19 -7.99
N VAL A 101 -11.07 4.19 -8.21
CA VAL A 101 -11.64 3.99 -9.54
C VAL A 101 -12.25 5.27 -10.12
N LEU A 102 -12.51 6.28 -9.29
CA LEU A 102 -13.19 7.48 -9.78
C LEU A 102 -12.23 8.35 -10.59
N VAL A 103 -12.82 9.16 -11.48
CA VAL A 103 -12.08 10.10 -12.29
C VAL A 103 -12.85 11.42 -12.31
N GLY A 104 -12.19 12.47 -12.78
CA GLY A 104 -12.85 13.76 -12.91
C GLY A 104 -13.08 14.46 -11.57
N ASP A 105 -14.15 15.25 -11.52
CA ASP A 105 -14.39 16.14 -10.39
C ASP A 105 -14.68 15.35 -9.12
N MET A 106 -15.44 14.27 -9.23
CA MET A 106 -15.75 13.46 -8.06
C MET A 106 -14.46 12.91 -7.43
N HIS A 107 -13.52 12.47 -8.26
CA HIS A 107 -12.26 11.99 -7.70
C HIS A 107 -11.47 13.13 -7.09
N ARG A 108 -11.44 14.29 -7.76
CA ARG A 108 -10.77 15.46 -7.21
C ARG A 108 -11.35 15.84 -5.86
N ASP A 109 -12.66 15.70 -5.68
CA ASP A 109 -13.26 16.04 -4.40
C ASP A 109 -12.92 15.00 -3.34
N MET A 110 -12.88 13.72 -3.72
CA MET A 110 -12.55 12.67 -2.76
C MET A 110 -11.08 12.72 -2.38
N ARG A 111 -10.20 13.12 -3.30
CA ARG A 111 -8.78 13.23 -2.95
C ARG A 111 -8.56 14.39 -2.01
N SER A 112 -9.19 15.53 -2.29
CA SER A 112 -9.11 16.69 -1.42
C SER A 112 -9.56 16.35 0.00
N ILE A 113 -10.59 15.52 0.13
CA ILE A 113 -11.02 15.09 1.46
C ILE A 113 -9.94 14.26 2.14
N SER A 114 -9.38 13.28 1.42
CA SER A 114 -8.37 12.41 2.03
C SER A 114 -7.14 13.19 2.43
N LEU A 115 -6.68 14.11 1.57
CA LEU A 115 -5.51 14.92 1.91
C LEU A 115 -5.77 15.73 3.18
N ASN A 116 -6.97 16.30 3.31
CA ASN A 116 -7.28 17.12 4.47
C ASN A 116 -7.37 16.29 5.75
N PHE A 117 -7.98 15.11 5.66
CA PHE A 117 -8.05 14.25 6.83
C PHE A 117 -6.66 13.76 7.24
N LEU A 118 -5.80 13.50 6.25
CA LEU A 118 -4.43 13.04 6.51
C LEU A 118 -3.45 14.19 6.57
N SER A 119 -3.92 15.40 6.87
CA SER A 119 -3.08 16.58 6.90
C SER A 119 -1.90 16.41 7.85
N HIS A 120 -0.87 17.22 7.61
CA HIS A 120 0.32 17.21 8.48
C HIS A 120 -0.05 17.51 9.93
N ALA A 121 -0.91 18.52 10.16
CA ALA A 121 -1.30 18.85 11.52
C ALA A 121 -2.00 17.69 12.21
N ARG A 122 -2.91 17.00 11.50
CA ARG A 122 -3.55 15.83 12.09
C ARG A 122 -2.58 14.66 12.17
N LEU A 123 -1.65 14.56 11.21
CA LEU A 123 -0.66 13.49 11.25
C LEU A 123 0.17 13.56 12.53
N ARG A 124 0.59 14.76 12.94
CA ARG A 124 1.55 14.89 14.03
C ARG A 124 0.92 14.90 15.42
N THR A 125 -0.40 14.93 15.51
CA THR A 125 -1.09 14.89 16.80
C THR A 125 -2.01 13.67 16.88
N ILE A 126 -3.18 13.72 16.24
CA ILE A 126 -4.17 12.64 16.31
C ILE A 126 -3.55 11.30 15.91
N LEU A 127 -3.07 11.21 14.67
CA LEU A 127 -2.77 9.91 14.09
C LEU A 127 -1.55 9.26 14.75
N LEU A 128 -0.52 10.05 15.06
CA LEU A 128 0.69 9.49 15.63
C LEU A 128 0.42 8.78 16.94
N LYS A 129 -0.44 9.36 17.79
CA LYS A 129 -0.78 8.73 19.06
C LYS A 129 -1.40 7.35 18.83
N ASP A 130 -2.32 7.23 17.87
CA ASP A 130 -2.94 5.94 17.58
C ASP A 130 -1.94 4.96 16.96
N VAL A 131 -1.01 5.45 16.14
CA VAL A 131 0.00 4.57 15.55
C VAL A 131 0.85 3.92 16.63
N GLU A 132 1.28 4.69 17.63
CA GLU A 132 2.10 4.10 18.68
C GLU A 132 1.28 3.20 19.57
N ARG A 133 0.02 3.56 19.85
CA ARG A 133 -0.78 2.71 20.72
C ARG A 133 -1.03 1.36 20.07
N HIS A 134 -1.31 1.35 18.76
CA HIS A 134 -1.54 0.08 18.08
C HIS A 134 -0.26 -0.72 17.88
N THR A 135 0.89 -0.06 17.73
CA THR A 135 2.16 -0.77 17.71
C THR A 135 2.37 -1.56 19.00
N LEU A 136 2.15 -0.91 20.15
CA LEU A 136 2.36 -1.58 21.42
C LEU A 136 1.27 -2.61 21.72
N PHE A 137 0.08 -2.42 21.17
CA PHE A 137 -0.96 -3.44 21.33
C PHE A 137 -0.52 -4.76 20.70
N VAL A 138 0.13 -4.69 19.54
CA VAL A 138 0.66 -5.90 18.93
C VAL A 138 1.91 -6.39 19.67
N LEU A 139 2.90 -5.50 19.85
CA LEU A 139 4.22 -5.97 20.27
C LEU A 139 4.25 -6.41 21.73
N ASP A 140 3.31 -5.92 22.55
CA ASP A 140 3.29 -6.34 23.95
C ASP A 140 2.69 -7.74 24.14
N SER A 141 2.00 -8.28 23.13
CA SER A 141 1.48 -9.63 23.24
C SER A 141 2.48 -10.69 22.79
N TRP A 142 3.59 -10.28 22.19
CA TRP A 142 4.59 -11.23 21.72
C TRP A 142 5.29 -11.87 22.91
N GLN A 143 5.28 -13.20 22.96
CA GLN A 143 5.84 -13.94 24.08
C GLN A 143 7.26 -14.42 23.77
N GLN A 144 8.04 -14.59 24.83
CA GLN A 144 9.45 -14.98 24.71
C GLN A 144 9.57 -16.37 24.09
N ASN A 145 10.49 -16.50 23.12
CA ASN A 145 10.80 -17.75 22.44
C ASN A 145 9.59 -18.34 21.71
N SER A 146 8.59 -17.53 21.38
CA SER A 146 7.45 -18.04 20.65
C SER A 146 7.70 -18.00 19.15
N ILE A 147 7.00 -18.87 18.42
CA ILE A 147 7.06 -18.92 16.96
C ILE A 147 5.69 -18.54 16.43
N PHE A 148 5.65 -17.59 15.50
CA PHE A 148 4.40 -17.10 14.94
C PHE A 148 4.67 -16.47 13.58
N SER A 149 3.59 -16.13 12.88
CA SER A 149 3.67 -15.53 11.55
C SER A 149 3.77 -14.00 11.65
N ALA A 150 4.93 -13.45 11.26
CA ALA A 150 5.08 -12.00 11.25
C ALA A 150 4.13 -11.34 10.25
N GLN A 151 3.89 -11.99 9.11
CA GLN A 151 2.92 -11.48 8.15
C GLN A 151 1.54 -11.33 8.79
N ASP A 152 1.10 -12.32 9.56
CA ASP A 152 -0.19 -12.21 10.23
C ASP A 152 -0.16 -11.10 11.28
N GLU A 153 0.94 -10.97 12.01
CA GLU A 153 1.04 -9.90 12.99
C GLU A 153 1.05 -8.54 12.31
N ALA A 154 1.76 -8.40 11.19
CA ALA A 154 1.73 -7.14 10.46
C ALA A 154 0.32 -6.81 9.98
N LYS A 155 -0.40 -7.82 9.47
CA LYS A 155 -1.76 -7.58 9.02
C LYS A 155 -2.66 -7.19 10.19
N LYS A 156 -2.44 -7.80 11.35
CA LYS A 156 -3.19 -7.41 12.55
C LYS A 156 -2.94 -5.95 12.89
N PHE A 157 -1.67 -5.53 12.89
CA PHE A 157 -1.33 -4.16 13.20
C PHE A 157 -2.04 -3.18 12.26
N THR A 158 -1.91 -3.37 10.94
CA THR A 158 -2.43 -2.37 10.02
C THR A 158 -3.95 -2.39 9.92
N PHE A 159 -4.58 -3.56 10.05
CA PHE A 159 -6.05 -3.56 10.01
C PHE A 159 -6.63 -2.87 11.23
N ASN A 160 -6.16 -3.24 12.42
CA ASN A 160 -6.58 -2.54 13.64
C ASN A 160 -6.42 -1.04 13.47
N LEU A 161 -5.23 -0.61 13.00
CA LEU A 161 -4.94 0.81 12.90
C LEU A 161 -5.91 1.51 11.94
N MET A 162 -6.20 0.89 10.79
CA MET A 162 -7.10 1.50 9.82
C MET A 162 -8.53 1.58 10.37
N ALA A 163 -8.97 0.55 11.08
CA ALA A 163 -10.31 0.58 11.65
C ALA A 163 -10.45 1.70 12.67
N LYS A 164 -9.40 1.92 13.48
CA LYS A 164 -9.39 3.08 14.37
C LYS A 164 -9.47 4.37 13.59
N HIS A 165 -8.62 4.52 12.56
CA HIS A 165 -8.57 5.77 11.79
C HIS A 165 -9.93 6.08 11.14
N ILE A 166 -10.58 5.08 10.53
CA ILE A 166 -11.78 5.39 9.73
C ILE A 166 -13.06 5.37 10.57
N MET A 167 -13.14 4.54 11.62
CA MET A 167 -14.41 4.41 12.33
C MET A 167 -14.24 4.32 13.86
N SER A 168 -13.09 4.72 14.39
CA SER A 168 -12.84 4.77 15.84
C SER A 168 -13.03 3.41 16.51
N MET A 169 -12.86 2.32 15.78
CA MET A 169 -12.98 0.99 16.35
C MET A 169 -11.73 0.63 17.13
N ASP A 170 -11.91 -0.04 18.20
CA ASP A 170 -10.83 -0.41 19.10
C ASP A 170 -10.35 -1.84 18.80
N PRO A 171 -9.07 -2.11 19.00
CA PRO A 171 -8.54 -3.43 18.65
C PRO A 171 -8.98 -4.50 19.64
N GLY A 172 -9.05 -5.73 19.14
CA GLY A 172 -9.37 -6.86 19.99
C GLY A 172 -10.84 -6.98 20.31
N GLU A 173 -11.59 -5.88 20.19
CA GLU A 173 -13.02 -5.92 20.41
C GLU A 173 -13.70 -6.78 19.33
N GLU A 174 -14.88 -7.30 19.69
CA GLU A 174 -15.53 -8.30 18.86
C GLU A 174 -15.91 -7.73 17.49
N GLU A 175 -16.51 -6.54 17.45
CA GLU A 175 -16.92 -5.96 16.18
C GLU A 175 -15.74 -5.76 15.23
N THR A 176 -14.51 -5.69 15.77
CA THR A 176 -13.33 -5.54 14.94
C THR A 176 -12.82 -6.89 14.45
N GLU A 177 -12.77 -7.90 15.32
CA GLU A 177 -12.38 -9.23 14.87
C GLU A 177 -13.35 -9.79 13.84
N GLN A 178 -14.61 -9.35 13.87
CA GLN A 178 -15.59 -9.87 12.94
C GLN A 178 -15.55 -9.12 11.63
N LEU A 179 -15.18 -7.83 11.66
CA LEU A 179 -14.95 -7.08 10.42
C LEU A 179 -13.78 -7.66 9.65
N LYS A 180 -12.79 -8.24 10.34
CA LYS A 180 -11.66 -8.88 9.65
C LYS A 180 -12.12 -10.07 8.83
N LYS A 181 -12.88 -10.99 9.43
CA LYS A 181 -13.32 -12.18 8.70
C LYS A 181 -14.21 -11.81 7.54
N GLU A 182 -15.14 -10.87 7.75
CA GLU A 182 -15.95 -10.38 6.67
C GLU A 182 -15.12 -9.70 5.60
N TYR A 183 -14.08 -8.95 6.00
CA TYR A 183 -13.27 -8.24 5.02
C TYR A 183 -12.45 -9.20 4.17
N VAL A 184 -11.88 -10.24 4.77
CA VAL A 184 -11.05 -11.15 3.98
C VAL A 184 -11.89 -12.00 3.04
N THR A 185 -13.07 -12.42 3.49
CA THR A 185 -13.98 -13.12 2.58
C THR A 185 -14.32 -12.27 1.38
N PHE A 186 -14.50 -10.97 1.60
CA PHE A 186 -14.77 -10.04 0.51
C PHE A 186 -13.55 -9.90 -0.40
N MET A 187 -12.34 -9.95 0.17
CA MET A 187 -11.14 -9.83 -0.66
C MET A 187 -10.86 -11.08 -1.48
N LYS A 188 -11.45 -12.22 -1.13
CA LYS A 188 -11.39 -13.40 -2.00
C LYS A 188 -12.22 -13.24 -3.28
N GLY A 189 -12.76 -12.05 -3.53
CA GLY A 189 -13.48 -11.79 -4.76
C GLY A 189 -12.63 -11.00 -5.73
N VAL A 190 -11.81 -10.10 -5.20
CA VAL A 190 -10.89 -9.34 -6.04
C VAL A 190 -9.93 -10.29 -6.76
N VAL A 191 -9.48 -11.33 -6.07
CA VAL A 191 -8.47 -12.24 -6.62
C VAL A 191 -9.12 -13.35 -7.45
N SER A 192 -10.37 -13.12 -7.87
CA SER A 192 -11.06 -14.08 -8.73
C SER A 192 -11.64 -13.40 -9.97
N LEU A 197 -16.20 -19.81 -13.86
CA LEU A 197 -17.36 -19.41 -13.08
C LEU A 197 -16.95 -18.46 -11.95
N PRO A 198 -17.91 -17.68 -11.41
CA PRO A 198 -17.63 -16.98 -10.15
C PRO A 198 -17.43 -17.96 -9.01
N GLY A 199 -18.31 -18.94 -8.96
CA GLY A 199 -18.25 -19.98 -7.95
C GLY A 199 -18.88 -19.53 -6.65
N THR A 200 -18.71 -20.37 -5.63
CA THR A 200 -19.16 -20.00 -4.29
C THR A 200 -18.17 -19.13 -3.55
N ALA A 201 -17.00 -18.83 -4.12
CA ALA A 201 -16.07 -17.91 -3.48
C ALA A 201 -16.11 -16.51 -4.09
N TYR A 202 -17.08 -16.24 -4.97
CA TYR A 202 -17.30 -14.90 -5.50
C TYR A 202 -18.64 -14.34 -5.06
N HIS A 203 -19.70 -15.14 -5.16
CA HIS A 203 -20.99 -14.70 -4.62
C HIS A 203 -20.90 -14.55 -3.11
N LYS A 204 -20.05 -15.33 -2.45
CA LYS A 204 -19.78 -15.10 -1.03
C LYS A 204 -19.13 -13.72 -0.81
N ALA A 205 -18.26 -13.27 -1.71
CA ALA A 205 -17.59 -11.99 -1.49
C ALA A 205 -18.55 -10.82 -1.66
N LEU A 206 -19.50 -10.94 -2.58
CA LEU A 206 -20.54 -9.92 -2.70
C LEU A 206 -21.45 -9.91 -1.48
N GLN A 207 -21.73 -11.08 -0.90
CA GLN A 207 -22.49 -11.12 0.33
C GLN A 207 -21.75 -10.39 1.46
N SER A 208 -20.45 -10.66 1.59
CA SER A 208 -19.65 -9.98 2.62
C SER A 208 -19.60 -8.48 2.36
N ARG A 209 -19.43 -8.06 1.10
CA ARG A 209 -19.40 -6.64 0.79
C ARG A 209 -20.67 -5.95 1.26
N ALA A 210 -21.83 -6.55 0.99
CA ALA A 210 -23.11 -5.97 1.43
C ALA A 210 -23.19 -5.89 2.96
N THR A 211 -22.73 -6.93 3.64
CA THR A 211 -22.70 -6.90 5.09
C THR A 211 -21.81 -5.77 5.60
N ILE A 212 -20.62 -5.62 5.01
CA ILE A 212 -19.71 -4.55 5.42
C ILE A 212 -20.37 -3.19 5.18
N LEU A 213 -20.96 -2.99 3.99
CA LEU A 213 -21.62 -1.72 3.72
C LEU A 213 -22.75 -1.44 4.72
N LYS A 214 -23.50 -2.48 5.11
CA LYS A 214 -24.54 -2.28 6.12
C LYS A 214 -23.95 -1.97 7.49
N PHE A 215 -22.82 -2.58 7.82
CA PHE A 215 -22.13 -2.23 9.06
C PHE A 215 -21.68 -0.78 9.05
N ILE A 216 -21.06 -0.32 7.94
CA ILE A 216 -20.58 1.05 7.89
C ILE A 216 -21.75 2.03 7.97
N GLU A 217 -22.86 1.73 7.29
CA GLU A 217 -24.03 2.60 7.36
C GLU A 217 -24.60 2.65 8.78
N ARG A 218 -24.50 1.54 9.51
CA ARG A 218 -24.91 1.53 10.91
C ARG A 218 -24.07 2.49 11.73
N LYS A 219 -22.75 2.42 11.59
CA LYS A 219 -21.89 3.33 12.34
C LYS A 219 -22.03 4.77 11.87
N MET A 220 -22.43 4.97 10.62
CA MET A 220 -22.65 6.32 10.11
C MET A 220 -23.87 6.97 10.78
N GLU A 221 -24.96 6.21 10.95
CA GLU A 221 -26.14 6.76 11.61
C GLU A 221 -25.87 7.10 13.06
N GLU A 222 -25.11 6.25 13.75
CA GLU A 222 -24.70 6.58 15.12
C GLU A 222 -23.87 7.85 15.16
N ARG A 223 -23.06 8.09 14.13
CA ARG A 223 -22.24 9.29 14.11
C ARG A 223 -23.09 10.53 13.83
N LYS A 224 -24.04 10.45 12.90
CA LYS A 224 -24.91 11.59 12.65
C LYS A 224 -25.69 12.00 13.89
N LEU A 225 -25.99 11.04 14.77
CA LEU A 225 -26.61 11.37 16.05
C LEU A 225 -25.65 12.10 16.97
N ASP A 226 -24.42 11.60 17.08
CA ASP A 226 -23.40 12.29 17.87
C ASP A 226 -23.20 13.72 17.38
N ILE A 227 -23.27 13.92 16.06
CA ILE A 227 -23.08 15.24 15.49
C ILE A 227 -24.29 16.13 15.76
N LYS A 228 -25.49 15.58 15.60
CA LYS A 228 -26.70 16.35 15.89
C LYS A 228 -26.74 16.79 17.35
N GLU A 229 -26.27 15.94 18.26
CA GLU A 229 -26.17 16.30 19.67
C GLU A 229 -24.92 17.09 19.99
N ARG A 230 -24.13 17.45 18.98
CA ARG A 230 -23.04 18.41 19.11
C ARG A 230 -22.00 17.95 20.14
N LYS A 231 -21.79 16.64 20.20
CA LYS A 231 -20.69 16.11 21.01
C LYS A 231 -19.35 16.56 20.43
N GLN A 232 -18.34 16.64 21.29
CA GLN A 232 -17.05 17.15 20.87
C GLN A 232 -16.20 16.05 20.24
N ARG A 233 -15.31 16.47 19.35
CA ARG A 233 -14.36 15.58 18.67
C ARG A 233 -15.06 14.48 17.87
N THR A 234 -16.15 14.84 17.21
CA THR A 234 -16.88 13.91 16.36
C THR A 234 -16.13 13.58 15.06
N ASP A 235 -15.20 14.42 14.63
CA ASP A 235 -14.50 14.23 13.36
C ASP A 235 -13.07 13.75 13.55
N ASP A 236 -12.82 12.96 14.60
CA ASP A 236 -11.49 12.40 14.77
C ASP A 236 -11.22 11.28 13.78
N ASP A 237 -12.26 10.59 13.33
CA ASP A 237 -12.10 9.52 12.35
C ASP A 237 -12.65 9.97 11.00
N LEU A 238 -12.38 9.16 9.98
CA LEU A 238 -12.76 9.55 8.62
C LEU A 238 -14.26 9.65 8.47
N LEU A 239 -15.00 8.75 9.12
CA LEU A 239 -16.45 8.77 9.06
C LEU A 239 -17.01 10.11 9.54
N GLY A 240 -16.59 10.55 10.73
CA GLY A 240 -17.06 11.83 11.23
C GLY A 240 -16.58 13.00 10.41
N TRP A 241 -15.37 12.89 9.85
CA TRP A 241 -14.83 14.00 9.08
C TRP A 241 -15.64 14.26 7.81
N VAL A 242 -16.01 13.21 7.09
CA VAL A 242 -16.75 13.44 5.85
C VAL A 242 -18.17 13.90 6.15
N LEU A 243 -18.74 13.46 7.26
CA LEU A 243 -20.08 13.92 7.64
C LEU A 243 -20.09 15.41 7.92
N LYS A 244 -19.07 15.92 8.61
CA LYS A 244 -19.03 17.33 9.02
C LYS A 244 -18.49 18.25 7.94
N HIS A 245 -17.55 17.79 7.12
CA HIS A 245 -16.79 18.67 6.25
C HIS A 245 -17.04 18.43 4.76
N SER A 246 -18.01 17.59 4.39
CA SER A 246 -18.27 17.31 2.98
C SER A 246 -19.77 17.19 2.74
N ASN A 247 -20.13 17.08 1.46
CA ASN A 247 -21.51 16.89 1.03
C ASN A 247 -21.70 15.57 0.31
N LEU A 248 -20.90 14.56 0.65
CA LEU A 248 -21.03 13.26 0.03
C LEU A 248 -22.35 12.60 0.44
N SER A 249 -22.93 11.84 -0.48
CA SER A 249 -24.14 11.09 -0.20
C SER A 249 -23.81 9.87 0.63
N THR A 250 -24.86 9.19 1.10
CA THR A 250 -24.65 8.02 1.94
C THR A 250 -23.86 6.94 1.19
N GLU A 251 -24.27 6.61 -0.03
CA GLU A 251 -23.57 5.57 -0.77
C GLU A 251 -22.15 5.99 -1.13
N GLN A 252 -21.92 7.29 -1.30
CA GLN A 252 -20.55 7.76 -1.55
C GLN A 252 -19.69 7.61 -0.30
N ILE A 253 -20.23 7.94 0.87
CA ILE A 253 -19.50 7.76 2.12
C ILE A 253 -19.10 6.30 2.30
N LEU A 254 -20.02 5.36 2.06
CA LEU A 254 -19.70 3.96 2.30
C LEU A 254 -18.57 3.49 1.40
N ASP A 255 -18.57 3.92 0.13
CA ASP A 255 -17.51 3.50 -0.79
C ASP A 255 -16.17 4.10 -0.40
N LEU A 256 -16.18 5.35 0.06
CA LEU A 256 -14.94 5.99 0.51
C LEU A 256 -14.37 5.27 1.72
N ILE A 257 -15.19 4.97 2.72
CA ILE A 257 -14.71 4.31 3.93
C ILE A 257 -14.10 2.96 3.56
N LEU A 258 -14.79 2.19 2.73
CA LEU A 258 -14.31 0.86 2.39
C LEU A 258 -13.05 0.92 1.55
N SER A 259 -12.97 1.88 0.63
CA SER A 259 -11.80 1.94 -0.23
C SER A 259 -10.58 2.44 0.54
N LEU A 260 -10.77 3.29 1.55
CA LEU A 260 -9.64 3.71 2.38
C LEU A 260 -9.11 2.57 3.23
N LEU A 261 -10.01 1.76 3.80
CA LEU A 261 -9.57 0.59 4.54
C LEU A 261 -8.68 -0.30 3.68
N PHE A 262 -9.13 -0.60 2.46
CA PHE A 262 -8.34 -1.40 1.54
C PHE A 262 -7.02 -0.71 1.19
N ALA A 263 -7.09 0.56 0.78
CA ALA A 263 -5.91 1.28 0.31
C ALA A 263 -4.84 1.37 1.40
N GLY A 264 -5.25 1.53 2.66
CA GLY A 264 -4.27 1.70 3.73
C GLY A 264 -3.79 0.40 4.34
N HIS A 265 -4.61 -0.64 4.35
CA HIS A 265 -4.25 -1.90 5.01
C HIS A 265 -3.46 -2.84 4.10
N GLU A 266 -3.93 -3.06 2.87
CA GLU A 266 -3.26 -4.00 1.97
C GLU A 266 -1.81 -3.58 1.67
N THR A 267 -1.57 -2.27 1.61
CA THR A 267 -0.22 -1.78 1.32
C THR A 267 0.66 -1.82 2.56
N SER A 268 0.23 -1.17 3.65
CA SER A 268 1.07 -1.04 4.84
C SER A 268 1.44 -2.39 5.42
N SER A 269 0.51 -3.35 5.42
CA SER A 269 0.80 -4.66 6.00
C SER A 269 1.95 -5.34 5.27
N VAL A 270 1.95 -5.27 3.93
CA VAL A 270 3.03 -5.86 3.15
C VAL A 270 4.34 -5.16 3.46
N ALA A 271 4.31 -3.82 3.56
CA ALA A 271 5.53 -3.08 3.77
C ALA A 271 6.15 -3.41 5.12
N ILE A 272 5.33 -3.50 6.18
CA ILE A 272 5.86 -3.90 7.48
C ILE A 272 6.48 -5.28 7.38
N ALA A 273 5.80 -6.22 6.72
CA ALA A 273 6.31 -7.58 6.64
C ALA A 273 7.62 -7.62 5.85
N LEU A 274 7.71 -6.83 4.77
CA LEU A 274 8.95 -6.78 4.00
C LEU A 274 10.12 -6.29 4.86
N ALA A 275 9.87 -5.29 5.70
CA ALA A 275 10.93 -4.76 6.55
C ALA A 275 11.43 -5.81 7.54
N ILE A 276 10.50 -6.49 8.22
CA ILE A 276 10.91 -7.58 9.10
C ILE A 276 11.77 -8.58 8.34
N PHE A 277 11.36 -8.93 7.12
CA PHE A 277 12.12 -9.89 6.31
C PHE A 277 13.50 -9.36 5.97
N PHE A 278 13.58 -8.20 5.32
CA PHE A 278 14.87 -7.67 4.90
C PHE A 278 15.82 -7.47 6.08
N LEU A 279 15.30 -7.09 7.24
CA LEU A 279 16.18 -6.75 8.36
C LEU A 279 16.80 -7.97 9.01
N GLN A 280 16.09 -9.11 9.06
CA GLN A 280 16.72 -10.28 9.66
C GLN A 280 17.91 -10.77 8.84
N ALA A 281 17.96 -10.43 7.55
CA ALA A 281 19.09 -10.78 6.69
C ALA A 281 20.11 -9.66 6.57
N CYS A 282 20.00 -8.61 7.40
CA CYS A 282 20.92 -7.48 7.36
C CYS A 282 21.17 -7.01 8.79
N PRO A 283 21.88 -7.82 9.58
CA PRO A 283 22.06 -7.47 11.01
C PRO A 283 22.79 -6.17 11.24
N LYS A 284 23.61 -5.70 10.30
CA LYS A 284 24.29 -4.42 10.51
C LYS A 284 23.32 -3.25 10.42
N ALA A 285 22.29 -3.36 9.58
CA ALA A 285 21.26 -2.33 9.54
C ALA A 285 20.42 -2.31 10.82
N VAL A 286 20.21 -3.47 11.44
CA VAL A 286 19.50 -3.52 12.71
C VAL A 286 20.34 -2.90 13.81
N GLU A 287 21.66 -3.09 13.76
CA GLU A 287 22.53 -2.47 14.74
C GLU A 287 22.45 -0.95 14.66
N GLU A 288 22.57 -0.40 13.46
CA GLU A 288 22.46 1.04 13.31
C GLU A 288 21.08 1.55 13.71
N LEU A 289 20.03 0.77 13.45
CA LEU A 289 18.69 1.16 13.90
C LEU A 289 18.61 1.18 15.42
N ARG A 290 19.22 0.22 16.09
CA ARG A 290 19.18 0.22 17.54
C ARG A 290 19.91 1.44 18.10
N GLU A 291 21.08 1.77 17.56
CA GLU A 291 21.79 2.94 18.04
C GLU A 291 20.94 4.19 17.90
N GLU A 292 20.34 4.39 16.72
CA GLU A 292 19.49 5.56 16.50
C GLU A 292 18.29 5.56 17.43
N HIS A 293 17.66 4.41 17.65
CA HIS A 293 16.43 4.38 18.43
C HIS A 293 16.71 4.34 19.93
N LEU A 294 17.85 3.79 20.34
CA LEU A 294 18.23 3.85 21.75
C LEU A 294 18.50 5.29 22.16
N GLU A 295 19.15 6.08 21.30
CA GLU A 295 19.40 7.47 21.64
C GLU A 295 18.10 8.22 21.83
N ILE A 296 17.12 8.01 20.94
CA ILE A 296 15.81 8.65 21.08
C ILE A 296 15.17 8.26 22.40
N ALA A 297 15.17 6.97 22.73
CA ALA A 297 14.52 6.50 23.96
C ALA A 297 15.24 7.02 25.20
N ARG A 298 16.58 7.07 25.17
CA ARG A 298 17.32 7.62 26.31
C ARG A 298 16.99 9.10 26.52
N ALA A 299 16.89 9.86 25.44
CA ALA A 299 16.54 11.26 25.56
C ALA A 299 15.19 11.44 26.24
N LYS A 300 14.19 10.66 25.83
CA LYS A 300 12.86 10.78 26.43
C LYS A 300 12.87 10.36 27.90
N LYS A 301 13.71 9.37 28.24
CA LYS A 301 13.79 8.91 29.63
C LYS A 301 14.34 10.01 30.53
N GLU A 302 15.38 10.71 30.08
CA GLU A 302 15.88 11.85 30.83
C GLU A 302 14.85 12.97 30.93
N LEU A 303 14.05 13.18 29.89
CA LEU A 303 13.00 14.19 29.93
C LEU A 303 11.75 13.72 30.67
N GLY A 304 11.68 12.46 31.06
CA GLY A 304 10.48 11.94 31.70
C GLY A 304 9.26 11.85 30.81
N GLU A 305 9.44 11.73 29.49
CA GLU A 305 8.33 11.63 28.55
C GLU A 305 8.12 10.20 28.09
N SER A 306 6.85 9.81 27.93
CA SER A 306 6.49 8.43 27.67
C SER A 306 6.12 8.16 26.22
N GLU A 307 5.26 8.99 25.65
CA GLU A 307 4.78 8.79 24.28
C GLU A 307 5.66 9.52 23.28
N LEU A 308 5.75 8.95 22.08
CA LEU A 308 6.48 9.58 21.00
C LEU A 308 5.79 10.87 20.57
N ASN A 309 6.59 11.82 20.07
CA ASN A 309 6.07 13.03 19.47
C ASN A 309 6.72 13.21 18.09
N TRP A 310 6.23 14.21 17.35
CA TRP A 310 6.71 14.42 15.99
C TRP A 310 8.22 14.66 15.96
N ASP A 311 8.76 15.37 16.97
CA ASP A 311 10.18 15.69 16.98
C ASP A 311 11.03 14.44 17.10
N ASP A 312 10.57 13.42 17.85
CA ASP A 312 11.28 12.14 17.86
C ASP A 312 11.27 11.50 16.48
N TYR A 313 10.13 11.54 15.80
CA TYR A 313 10.04 10.94 14.47
C TYR A 313 11.00 11.61 13.49
N LYS A 314 11.11 12.93 13.58
CA LYS A 314 12.02 13.67 12.72
C LYS A 314 13.49 13.31 12.96
N LYS A 315 13.80 12.62 14.05
CA LYS A 315 15.17 12.23 14.31
C LYS A 315 15.50 10.87 13.72
N MET A 316 14.53 10.18 13.12
CA MET A 316 14.73 8.81 12.67
C MET A 316 15.28 8.79 11.24
N ASP A 317 16.51 9.32 11.10
CA ASP A 317 17.12 9.48 9.78
C ASP A 317 17.41 8.14 9.12
N PHE A 318 18.11 7.25 9.83
CA PHE A 318 18.44 5.98 9.20
C PHE A 318 17.20 5.10 9.02
N THR A 319 16.18 5.27 9.88
CA THR A 319 14.92 4.55 9.67
C THR A 319 14.30 4.90 8.33
N GLN A 320 14.31 6.19 7.96
CA GLN A 320 13.85 6.59 6.64
C GLN A 320 14.66 5.98 5.52
N CYS A 321 15.91 5.60 5.79
CA CYS A 321 16.70 4.91 4.77
C CYS A 321 16.23 3.47 4.61
N VAL A 322 15.97 2.79 5.74
CA VAL A 322 15.43 1.44 5.69
C VAL A 322 14.06 1.44 5.00
N ILE A 323 13.24 2.45 5.28
CA ILE A 323 11.92 2.51 4.67
C ILE A 323 12.04 2.61 3.16
N ASN A 324 12.82 3.57 2.66
CA ASN A 324 12.99 3.73 1.22
C ASN A 324 13.52 2.44 0.58
N GLU A 325 14.46 1.79 1.25
CA GLU A 325 15.04 0.60 0.66
C GLU A 325 14.05 -0.56 0.66
N THR A 326 13.20 -0.64 1.69
CA THR A 326 12.17 -1.66 1.72
C THR A 326 11.19 -1.49 0.57
N LEU A 327 10.76 -0.26 0.28
CA LEU A 327 9.81 -0.03 -0.80
C LEU A 327 10.46 -0.18 -2.17
N ARG A 328 11.72 0.26 -2.33
CA ARG A 328 12.38 0.11 -3.62
C ARG A 328 12.55 -1.36 -3.99
N LEU A 329 13.06 -2.17 -3.05
CA LEU A 329 13.33 -3.56 -3.37
C LEU A 329 12.07 -4.41 -3.32
N GLY A 330 11.22 -4.21 -2.32
CA GLY A 330 10.05 -5.04 -2.13
C GLY A 330 8.91 -4.81 -3.11
N ASN A 331 8.67 -3.55 -3.48
CA ASN A 331 7.66 -3.18 -4.47
C ASN A 331 6.26 -3.66 -4.13
N VAL A 332 5.62 -2.97 -3.18
CA VAL A 332 4.26 -3.29 -2.75
C VAL A 332 3.29 -3.24 -3.91
N VAL A 333 3.51 -2.33 -4.87
CA VAL A 333 2.63 -2.16 -6.02
C VAL A 333 3.45 -2.42 -7.29
N ARG A 334 3.02 -3.40 -8.08
CA ARG A 334 3.82 -3.79 -9.24
C ARG A 334 3.60 -2.86 -10.43
N PHE A 335 2.37 -2.39 -10.64
CA PHE A 335 2.04 -1.60 -11.82
C PHE A 335 0.68 -0.93 -11.58
N LEU A 336 0.34 0.02 -12.43
CA LEU A 336 -0.95 0.69 -12.34
C LEU A 336 -1.77 0.41 -13.60
N HIS A 337 -3.08 0.61 -13.49
CA HIS A 337 -4.04 0.42 -14.57
C HIS A 337 -4.44 1.78 -15.12
N ARG A 338 -4.09 2.04 -16.38
CA ARG A 338 -4.42 3.31 -17.02
C ARG A 338 -4.99 3.07 -18.41
N LYS A 339 -5.62 4.10 -18.96
CA LYS A 339 -6.13 4.05 -20.33
C LYS A 339 -5.74 5.36 -21.01
N ALA A 340 -5.50 5.28 -22.32
CA ALA A 340 -5.18 6.48 -23.09
C ALA A 340 -6.47 7.19 -23.48
N LEU A 341 -6.51 8.52 -23.28
CA LEU A 341 -7.70 9.27 -23.63
C LEU A 341 -7.70 9.70 -25.09
N LYS A 342 -6.53 9.82 -25.69
CA LYS A 342 -6.40 10.15 -27.11
C LYS A 342 -5.11 9.50 -27.62
N ASP A 343 -4.90 9.59 -28.94
CA ASP A 343 -3.67 9.07 -29.52
C ASP A 343 -2.49 9.84 -28.94
N VAL A 344 -1.46 9.10 -28.52
CA VAL A 344 -0.26 9.69 -27.93
C VAL A 344 0.95 9.10 -28.62
N ARG A 345 1.94 9.95 -28.91
CA ARG A 345 3.21 9.50 -29.47
C ARG A 345 4.33 9.81 -28.50
N TYR A 346 5.20 8.83 -28.27
CA TYR A 346 6.27 8.99 -27.30
C TYR A 346 7.43 8.10 -27.72
N LYS A 347 8.64 8.67 -27.72
CA LYS A 347 9.85 7.93 -28.09
C LYS A 347 9.67 7.19 -29.41
N GLY A 348 8.87 7.75 -30.32
CA GLY A 348 8.67 7.17 -31.63
C GLY A 348 7.60 6.10 -31.73
N TYR A 349 6.97 5.73 -30.62
CA TYR A 349 5.89 4.75 -30.61
C TYR A 349 4.54 5.45 -30.52
N ASP A 350 3.50 4.76 -31.00
CA ASP A 350 2.14 5.28 -31.00
C ASP A 350 1.30 4.48 -30.01
N ILE A 351 0.71 5.18 -29.05
CA ILE A 351 -0.28 4.61 -28.13
C ILE A 351 -1.65 5.00 -28.64
N PRO A 352 -2.45 4.07 -29.20
CA PRO A 352 -3.76 4.43 -29.73
C PRO A 352 -4.76 4.76 -28.63
N SER A 353 -5.73 5.59 -28.99
CA SER A 353 -6.78 5.98 -28.05
C SER A 353 -7.55 4.77 -27.53
N GLY A 354 -8.02 4.87 -26.29
CA GLY A 354 -8.80 3.83 -25.67
C GLY A 354 -8.04 2.57 -25.29
N TRP A 355 -6.76 2.44 -25.65
CA TRP A 355 -5.98 1.26 -25.28
C TRP A 355 -5.56 1.33 -23.81
N LYS A 356 -5.46 0.17 -23.19
CA LYS A 356 -4.96 0.09 -21.83
C LYS A 356 -3.47 0.38 -21.78
N VAL A 357 -3.04 1.05 -20.72
CA VAL A 357 -1.63 1.41 -20.52
C VAL A 357 -1.24 1.01 -19.11
N LEU A 358 -0.21 0.17 -18.98
CA LEU A 358 0.26 -0.31 -17.69
C LEU A 358 1.65 0.25 -17.38
N PRO A 359 1.76 1.35 -16.63
CA PRO A 359 3.08 1.75 -16.13
C PRO A 359 3.58 0.81 -15.05
N VAL A 360 4.64 0.07 -15.36
CA VAL A 360 5.26 -0.82 -14.38
C VAL A 360 6.17 0.01 -13.51
N ILE A 361 5.60 0.68 -12.51
CA ILE A 361 6.36 1.61 -11.68
C ILE A 361 7.47 0.92 -10.91
N SER A 362 7.38 -0.41 -10.76
CA SER A 362 8.41 -1.15 -10.05
C SER A 362 9.68 -1.35 -10.87
N ALA A 363 9.61 -1.19 -12.19
CA ALA A 363 10.73 -1.57 -13.06
C ALA A 363 11.98 -0.74 -12.77
N VAL A 364 11.82 0.59 -12.65
CA VAL A 364 12.98 1.45 -12.45
C VAL A 364 13.67 1.17 -11.11
N HIS A 365 12.91 0.68 -10.12
CA HIS A 365 13.51 0.34 -8.84
C HIS A 365 14.57 -0.74 -8.96
N LEU A 366 14.45 -1.60 -9.97
CA LEU A 366 15.36 -2.74 -10.14
C LEU A 366 16.29 -2.55 -11.34
N ASP A 367 16.56 -1.31 -11.72
CA ASP A 367 17.32 -1.00 -12.93
C ASP A 367 18.81 -0.85 -12.64
N ASN A 368 19.63 -1.56 -13.42
CA ASN A 368 21.08 -1.54 -13.22
C ASN A 368 21.67 -0.15 -13.39
N SER A 369 21.12 0.64 -14.33
CA SER A 369 21.67 1.95 -14.63
C SER A 369 21.20 3.05 -13.69
N ARG A 370 20.16 2.81 -12.89
CA ARG A 370 19.68 3.82 -11.96
C ARG A 370 20.06 3.54 -10.52
N TYR A 371 20.43 2.32 -10.18
CA TYR A 371 20.84 1.94 -8.84
C TYR A 371 21.99 0.97 -8.93
N ASP A 372 22.95 1.10 -8.03
CA ASP A 372 24.10 0.20 -8.00
C ASP A 372 23.74 -1.06 -7.22
N GLN A 373 23.76 -2.20 -7.89
CA GLN A 373 23.36 -3.49 -7.33
C GLN A 373 21.92 -3.43 -6.81
N PRO A 374 20.95 -3.36 -7.72
CA PRO A 374 19.57 -3.10 -7.28
C PRO A 374 18.92 -4.27 -6.56
N ASN A 375 19.44 -5.48 -6.68
CA ASN A 375 18.83 -6.63 -6.04
C ASN A 375 19.32 -6.84 -4.62
N LEU A 376 20.19 -5.96 -4.13
CA LEU A 376 20.73 -6.03 -2.79
C LEU A 376 19.99 -5.03 -1.90
N PHE A 377 19.66 -5.46 -0.68
CA PHE A 377 19.04 -4.57 0.30
C PHE A 377 20.15 -3.76 0.92
N ASN A 378 20.24 -2.49 0.55
CA ASN A 378 21.33 -1.61 0.99
C ASN A 378 20.76 -0.25 1.37
N PRO A 379 20.29 -0.09 2.62
CA PRO A 379 19.69 1.18 3.00
C PRO A 379 20.67 2.35 3.01
N TRP A 380 21.98 2.09 3.06
CA TRP A 380 22.97 3.16 3.05
C TRP A 380 23.07 3.87 1.71
N ARG A 381 22.53 3.28 0.63
CA ARG A 381 22.48 3.99 -0.64
C ARG A 381 21.67 5.29 -0.55
N TRP A 382 20.79 5.42 0.44
CA TRP A 382 19.96 6.62 0.54
C TRP A 382 20.64 7.72 1.34
N GLN A 383 21.87 7.52 1.77
CA GLN A 383 22.71 8.62 2.23
C GLN A 383 23.39 9.33 1.07
N GLN A 384 23.15 8.88 -0.16
CA GLN A 384 23.57 9.57 -1.38
C GLN A 384 22.38 9.88 -2.28
N GLN A 385 21.54 8.89 -2.56
CA GLN A 385 20.42 9.05 -3.48
C GLN A 385 19.30 9.86 -2.83
N ASN A 386 18.22 10.07 -3.59
CA ASN A 386 17.10 10.90 -3.15
C ASN A 386 15.81 10.35 -3.78
N THR A 387 14.70 10.63 -3.11
CA THR A 387 13.40 10.15 -3.56
C THR A 387 12.79 11.00 -4.68
N TRP A 388 13.41 12.13 -5.00
CA TRP A 388 12.93 13.01 -6.04
C TRP A 388 13.39 12.49 -7.39
N GLY A 389 12.47 12.46 -8.35
CA GLY A 389 12.84 12.13 -9.70
C GLY A 389 12.40 10.74 -10.13
N ASN A 390 12.78 10.40 -11.35
CA ASN A 390 12.32 9.19 -12.03
C ASN A 390 12.64 7.91 -11.26
N ASN A 391 13.68 7.92 -10.45
CA ASN A 391 14.25 6.68 -9.93
C ASN A 391 13.36 6.01 -8.90
N TYR A 392 12.40 6.74 -8.33
CA TYR A 392 11.72 6.29 -7.12
C TYR A 392 10.24 6.66 -7.21
N MET A 393 9.38 5.65 -7.38
CA MET A 393 7.95 5.94 -7.42
C MET A 393 7.08 4.82 -6.83
N PRO A 394 7.38 4.30 -5.63
CA PRO A 394 6.53 3.25 -5.05
C PRO A 394 5.16 3.75 -4.66
N PHE A 395 4.98 5.07 -4.47
CA PHE A 395 3.70 5.67 -4.17
C PHE A 395 2.99 6.22 -5.41
N GLY A 396 3.50 5.92 -6.62
CA GLY A 396 2.91 6.49 -7.81
C GLY A 396 3.46 7.87 -8.11
N GLY A 397 2.61 8.71 -8.70
CA GLY A 397 2.99 10.08 -9.04
C GLY A 397 1.82 10.82 -9.68
N GLY A 398 2.06 12.10 -9.95
CA GLY A 398 1.06 12.95 -10.55
C GLY A 398 -0.15 13.19 -9.66
N PRO A 399 -1.31 13.51 -10.27
CA PRO A 399 -2.49 13.88 -9.47
C PRO A 399 -3.08 12.75 -8.64
N ARG A 400 -2.62 11.52 -8.81
CA ARG A 400 -3.10 10.40 -8.02
C ARG A 400 -2.02 9.84 -7.10
N LEU A 401 -0.95 10.62 -6.87
CA LEU A 401 0.09 10.21 -5.95
C LEU A 401 -0.52 9.83 -4.60
N CYS A 402 -0.01 8.76 -4.02
CA CYS A 402 -0.62 8.14 -2.84
C CYS A 402 -0.92 9.17 -1.77
N ALA A 403 -2.19 9.25 -1.37
CA ALA A 403 -2.58 10.23 -0.38
C ALA A 403 -2.16 9.85 1.03
N GLY A 404 -1.82 8.59 1.28
CA GLY A 404 -1.39 8.17 2.61
C GLY A 404 0.09 7.95 2.78
N SER A 405 0.92 8.34 1.80
CA SER A 405 2.35 8.03 1.88
C SER A 405 2.97 8.48 3.20
N GLU A 406 2.63 9.69 3.67
CA GLU A 406 3.24 10.18 4.90
C GLU A 406 2.79 9.37 6.11
N LEU A 407 1.54 8.92 6.12
CA LEU A 407 1.10 8.02 7.19
C LEU A 407 1.77 6.65 7.07
N ALA A 408 1.96 6.16 5.82
CA ALA A 408 2.65 4.89 5.63
C ALA A 408 4.06 4.93 6.21
N LYS A 409 4.82 5.99 5.94
CA LYS A 409 6.17 6.07 6.49
C LYS A 409 6.13 6.14 8.02
N LEU A 410 5.13 6.83 8.56
CA LEU A 410 5.03 6.95 10.02
C LEU A 410 4.71 5.61 10.66
N GLU A 411 3.83 4.81 10.03
CA GLU A 411 3.54 3.47 10.55
C GLU A 411 4.79 2.59 10.57
N MET A 412 5.55 2.59 9.48
CA MET A 412 6.77 1.77 9.48
C MET A 412 7.77 2.27 10.51
N ALA A 413 7.98 3.59 10.58
CA ALA A 413 9.00 4.13 11.48
C ALA A 413 8.69 3.82 12.94
N VAL A 414 7.43 4.01 13.34
CA VAL A 414 7.07 3.79 14.74
C VAL A 414 7.14 2.30 15.09
N PHE A 415 6.64 1.44 14.20
CA PHE A 415 6.72 -0.01 14.43
C PHE A 415 8.17 -0.48 14.55
N ILE A 416 9.01 -0.09 13.59
CA ILE A 416 10.43 -0.44 13.64
C ILE A 416 11.06 0.04 14.93
N HIS A 417 10.74 1.28 15.35
CA HIS A 417 11.30 1.84 16.57
C HIS A 417 11.10 0.91 17.76
N HIS A 418 9.86 0.48 18.00
CA HIS A 418 9.63 -0.39 19.14
C HIS A 418 10.11 -1.82 18.88
N LEU A 419 10.05 -2.27 17.63
CA LEU A 419 10.50 -3.63 17.31
C LEU A 419 11.97 -3.82 17.67
N VAL A 420 12.85 -2.96 17.15
CA VAL A 420 14.28 -3.17 17.38
C VAL A 420 14.68 -2.89 18.83
N LEU A 421 13.86 -2.14 19.56
CA LEU A 421 14.15 -1.92 20.98
C LEU A 421 13.72 -3.08 21.85
N LYS A 422 12.73 -3.86 21.41
CA LYS A 422 12.18 -4.91 22.26
C LYS A 422 12.68 -6.30 21.95
N PHE A 423 13.01 -6.59 20.69
CA PHE A 423 13.16 -7.97 20.27
C PHE A 423 14.38 -8.17 19.38
N ASN A 424 14.92 -9.38 19.45
CA ASN A 424 15.67 -9.99 18.36
C ASN A 424 14.75 -10.99 17.67
N TRP A 425 15.01 -11.23 16.38
CA TRP A 425 14.16 -12.17 15.65
C TRP A 425 14.96 -12.88 14.58
N GLU A 426 14.51 -14.08 14.25
CA GLU A 426 15.11 -14.94 13.24
C GLU A 426 14.02 -15.66 12.47
N LEU A 427 14.33 -16.06 11.25
CA LEU A 427 13.41 -16.88 10.47
C LEU A 427 13.30 -18.25 11.12
N ALA A 428 12.07 -18.68 11.44
CA ALA A 428 11.86 -20.03 11.91
C ALA A 428 11.63 -21.02 10.78
N GLU A 429 11.49 -20.54 9.54
CA GLU A 429 11.19 -21.35 8.37
C GLU A 429 11.56 -20.52 7.16
N ASP A 430 12.16 -21.17 6.16
CA ASP A 430 12.60 -20.43 4.99
C ASP A 430 11.41 -19.84 4.24
N ASP A 431 11.57 -18.61 3.76
CA ASP A 431 10.49 -17.89 3.09
C ASP A 431 11.09 -16.83 2.17
N LYS A 432 10.24 -16.33 1.27
CA LYS A 432 10.61 -15.32 0.29
C LYS A 432 9.34 -14.62 -0.14
N PRO A 433 9.40 -13.33 -0.47
CA PRO A 433 8.18 -12.65 -0.93
C PRO A 433 7.90 -12.95 -2.41
N PHE A 434 6.63 -13.13 -2.72
CA PHE A 434 6.18 -13.39 -4.09
C PHE A 434 5.11 -12.37 -4.47
N ALA A 435 5.05 -12.07 -5.77
CA ALA A 435 4.07 -11.16 -6.32
C ALA A 435 3.02 -11.97 -7.07
N PHE A 436 1.73 -11.80 -6.68
CA PHE A 436 0.62 -12.58 -7.24
C PHE A 436 -0.41 -11.80 -8.07
N PRO A 437 -0.27 -10.49 -8.35
CA PRO A 437 0.76 -9.47 -8.17
C PRO A 437 0.80 -8.88 -6.77
N PHE A 438 -0.21 -9.10 -5.96
CA PHE A 438 -0.11 -8.67 -4.57
C PHE A 438 1.02 -9.44 -3.88
N VAL A 439 1.80 -8.74 -3.07
CA VAL A 439 2.98 -9.36 -2.45
C VAL A 439 2.55 -10.11 -1.19
N ASP A 440 3.10 -11.30 -1.01
CA ASP A 440 2.71 -12.16 0.10
C ASP A 440 3.82 -13.18 0.35
N PHE A 441 3.93 -13.62 1.60
CA PHE A 441 4.89 -14.67 1.95
C PHE A 441 4.18 -16.01 2.00
N PRO A 442 4.49 -16.94 1.10
CA PRO A 442 3.77 -18.23 1.08
C PRO A 442 3.81 -18.98 2.40
N ASN A 443 4.97 -19.08 3.04
CA ASN A 443 5.04 -19.75 4.33
C ASN A 443 4.62 -18.87 5.50
N GLY A 444 4.13 -17.66 5.25
CA GLY A 444 3.62 -16.81 6.31
C GLY A 444 4.66 -16.06 7.11
N LEU A 445 5.92 -16.08 6.71
CA LEU A 445 7.01 -15.39 7.41
C LEU A 445 6.98 -15.72 8.90
N LEU A 446 7.21 -17.01 9.19
CA LEU A 446 7.32 -17.44 10.57
C LEU A 446 8.64 -16.98 11.16
N ILE A 447 8.60 -16.40 12.36
CA ILE A 447 9.81 -15.96 13.04
C ILE A 447 9.78 -16.43 14.48
N ARG A 448 10.98 -16.57 15.05
CA ARG A 448 11.15 -16.78 16.48
C ARG A 448 11.76 -15.50 17.07
N VAL A 449 11.24 -15.07 18.21
CA VAL A 449 11.68 -13.83 18.83
C VAL A 449 12.18 -14.11 20.23
N SER A 450 12.94 -13.15 20.76
CA SER A 450 13.37 -13.18 22.15
C SER A 450 13.59 -11.75 22.61
N ARG A 451 13.13 -11.46 23.83
CA ARG A 451 13.22 -10.11 24.38
C ARG A 451 14.66 -9.75 24.73
N ILE A 452 14.97 -8.46 24.62
CA ILE A 452 16.30 -7.94 24.84
C ILE A 452 16.49 -7.63 26.33
N LEU A 453 17.67 -7.95 26.84
CA LEU A 453 18.10 -7.81 28.26
C LEU A 453 17.02 -7.40 29.27
CHA HEM B . -2.96 5.68 -4.03
CHB HEM B . 0.94 2.99 -2.87
CHC HEM B . -0.13 3.31 1.87
CHD HEM B . -4.14 5.76 0.68
C1A HEM B . -1.79 4.96 -4.14
C2A HEM B . -1.04 4.69 -5.35
C3A HEM B . 0.01 3.94 -5.02
C4A HEM B . 0.00 3.72 -3.59
CMA HEM B . 1.11 3.41 -5.96
CAA HEM B . -1.44 5.18 -6.78
CBA HEM B . -2.73 4.55 -7.31
CGA HEM B . -2.95 4.99 -8.74
O1A HEM B . -3.82 4.43 -9.46
O2A HEM B . -2.23 5.92 -9.18
C1B HEM B . 1.02 2.86 -1.50
C2B HEM B . 2.07 2.21 -0.75
C3B HEM B . 1.76 2.31 0.56
C4B HEM B . 0.50 3.02 0.68
CMB HEM B . 3.31 1.55 -1.38
CAB HEM B . 2.50 1.80 1.82
CBB HEM B . 3.72 1.25 1.83
C1C HEM B . -1.31 4.01 2.00
C2C HEM B . -2.00 4.36 3.22
C3C HEM B . -3.11 5.04 2.87
C4C HEM B . -3.16 5.14 1.42
CMC HEM B . -1.49 3.97 4.64
CAC HEM B . -4.25 5.66 3.73
CBC HEM B . -4.36 5.48 5.05
C1D HEM B . -4.16 5.97 -0.68
C2D HEM B . -5.19 6.69 -1.42
C3D HEM B . -4.85 6.68 -2.73
C4D HEM B . -3.62 5.93 -2.86
CMD HEM B . -6.43 7.37 -0.81
CAD HEM B . -5.67 7.32 -3.89
CBD HEM B . -5.07 8.66 -4.31
CGD HEM B . -5.87 9.28 -5.45
O1D HEM B . -6.64 8.54 -6.13
O2D HEM B . -5.74 10.50 -5.68
NA HEM B . -1.13 4.35 -3.09
NB HEM B . 0.08 3.34 -0.60
NC HEM B . -2.04 4.51 0.93
ND HEM B . -3.23 5.52 -1.59
FE HEM B . -1.61 4.43 -1.07
C1 GOL C . 11.49 -15.91 -10.02
O1 GOL C . 10.26 -16.43 -9.57
C2 GOL C . 11.23 -14.77 -11.00
O2 GOL C . 12.42 -14.00 -11.17
C3 GOL C . 10.83 -15.36 -12.34
O3 GOL C . 9.50 -15.83 -12.32
C1 GOL D . 19.49 -9.09 14.34
O1 GOL D . 20.09 -7.98 14.98
C2 GOL D . 17.97 -9.02 14.51
O2 GOL D . 17.57 -9.83 15.61
C3 GOL D . 17.29 -9.48 13.22
O3 GOL D . 17.85 -10.71 12.81
CL CL E . 22.56 3.34 -5.52
O1 HEZ F . -2.97 -2.11 -9.21
C1 HEZ F . -3.71 -1.11 -8.53
C2 HEZ F . -2.82 -0.35 -7.54
C3 HEZ F . -3.59 0.21 -6.33
C4 HEZ F . -2.77 1.12 -5.41
C5 HEZ F . -3.01 0.92 -3.90
C6 HEZ F . -3.46 2.19 -3.18
O6 HEZ F . -2.92 2.26 -1.87
#